data_7VI4
# 
_entry.id   7VI4 
# 
_audit_conform.dict_name       mmcif_pdbx.dic 
_audit_conform.dict_version    5.392 
_audit_conform.dict_location   http://mmcif.pdb.org/dictionaries/ascii/mmcif_pdbx.dic 
# 
loop_
_database_2.database_id 
_database_2.database_code 
_database_2.pdbx_database_accession 
_database_2.pdbx_DOI 
PDB   7VI4         pdb_00007vi4 10.2210/pdb7vi4/pdb 
WWPDB D_1300024729 ?            ?                   
# 
loop_
_pdbx_audit_revision_history.ordinal 
_pdbx_audit_revision_history.data_content_type 
_pdbx_audit_revision_history.major_revision 
_pdbx_audit_revision_history.minor_revision 
_pdbx_audit_revision_history.revision_date 
1 'Structure model' 1 0 2022-09-28 
2 'Structure model' 1 1 2024-06-19 
# 
_pdbx_audit_revision_details.ordinal             1 
_pdbx_audit_revision_details.revision_ordinal    1 
_pdbx_audit_revision_details.data_content_type   'Structure model' 
_pdbx_audit_revision_details.provider            repository 
_pdbx_audit_revision_details.type                'Initial release' 
_pdbx_audit_revision_details.description         ? 
_pdbx_audit_revision_details.details             ? 
# 
_pdbx_audit_revision_group.ordinal             1 
_pdbx_audit_revision_group.revision_ordinal    2 
_pdbx_audit_revision_group.data_content_type   'Structure model' 
_pdbx_audit_revision_group.group               'Data collection' 
# 
loop_
_pdbx_audit_revision_category.ordinal 
_pdbx_audit_revision_category.revision_ordinal 
_pdbx_audit_revision_category.data_content_type 
_pdbx_audit_revision_category.category 
1 2 'Structure model' chem_comp_atom 
2 2 'Structure model' chem_comp_bond 
# 
_pdbx_database_status.status_code                     REL 
_pdbx_database_status.status_code_sf                  REL 
_pdbx_database_status.status_code_mr                  ? 
_pdbx_database_status.entry_id                        7VI4 
_pdbx_database_status.recvd_initial_deposition_date   2021-09-24 
_pdbx_database_status.SG_entry                        N 
_pdbx_database_status.deposit_site                    PDBJ 
_pdbx_database_status.process_site                    PDBJ 
_pdbx_database_status.status_code_cs                  ? 
_pdbx_database_status.status_code_nmr_data            ? 
_pdbx_database_status.methods_development_category    ? 
_pdbx_database_status.pdb_format_compatible           Y 
# 
_pdbx_contact_author.id                 3 
_pdbx_contact_author.email              yone@spring8.or.jp 
_pdbx_contact_author.name_first         Koji 
_pdbx_contact_author.name_last          Yonekura 
_pdbx_contact_author.name_mi            ? 
_pdbx_contact_author.role               'principal investigator/group leader' 
_pdbx_contact_author.identifier_ORCID   0000-0001-5520-4391 
# 
loop_
_audit_author.name 
_audit_author.pdbx_ordinal 
_audit_author.identifier_ORCID 
'Takaba, K.'        1 ? 
'Maki-Yonekura, S.' 2 ? 
'Sekiyama, N.'      3 ? 
'Imamura, K.'       4 ? 
'Kodama, T.'        5 ? 
'Tochio, H.'        6 ? 
'Yonekura, K.'      7 ? 
# 
_citation.abstract                  ? 
_citation.abstract_id_CAS           ? 
_citation.book_id_ISBN              ? 
_citation.book_publisher            ? 
_citation.book_publisher_city       ? 
_citation.book_title                ? 
_citation.coordinate_linkage        ? 
_citation.country                   US 
_citation.database_id_Medline       ? 
_citation.details                   ? 
_citation.id                        primary 
_citation.journal_abbrev            Proc.Natl.Acad.Sci.USA 
_citation.journal_id_ASTM           PNASA6 
_citation.journal_id_CSD            0040 
_citation.journal_id_ISSN           1091-6490 
_citation.journal_full              ? 
_citation.journal_issue             ? 
_citation.journal_volume            119 
_citation.language                  ? 
_citation.page_first                e2122523119 
_citation.page_last                 e2122523119 
_citation.title                     'ALS mutations in the TIA-1 prion-like domain trigger highly condensed pathogenic structures.' 
_citation.year                      2022 
_citation.database_id_CSD           ? 
_citation.pdbx_database_id_DOI      10.1073/pnas.2122523119 
_citation.pdbx_database_id_PubMed   36112647 
_citation.pdbx_database_id_patent   ? 
_citation.unpublished_flag          ? 
# 
loop_
_citation_author.citation_id 
_citation_author.name 
_citation_author.ordinal 
_citation_author.identifier_ORCID 
primary 'Sekiyama, N.'      1  0000-0003-4537-6565 
primary 'Takaba, K.'        2  ?                   
primary 'Maki-Yonekura, S.' 3  ?                   
primary 'Akagi, K.I.'       4  0000-0002-7051-4598 
primary 'Ohtani, Y.'        5  ?                   
primary 'Imamura, K.'       6  0000-0002-2141-8495 
primary 'Terakawa, T.'      7  ?                   
primary 'Yamashita, K.'     8  ?                   
primary 'Inaoka, D.'        9  0000-0002-8643-4031 
primary 'Yonekura, K.'      10 0000-0001-5520-4391 
primary 'Kodama, T.S.'      11 0000-0001-6820-1907 
primary 'Tochio, H.'        12 0000-0003-3843-3330 
# 
loop_
_entity.id 
_entity.type 
_entity.src_method 
_entity.pdbx_description 
_entity.formula_weight 
_entity.pdbx_number_of_molecules 
_entity.pdbx_ec 
_entity.pdbx_mutation 
_entity.pdbx_fragment 
_entity.details 
1 polymer syn 'TIA-1 prion-like domain' 1174.241 1 ? A381T ? ? 
2 water   nat water                     18.015   3 ? ?     ? ? 
# 
_entity_name_com.entity_id   1 
_entity_name_com.name        'RNA-binding protein TIA-1,T-cell-restricted intracellular antigen-1,TIA-1,p40-TIA-1' 
# 
_entity_poly.entity_id                      1 
_entity_poly.type                           'polypeptide(L)' 
_entity_poly.nstd_linkage                   no 
_entity_poly.nstd_monomer                   no 
_entity_poly.pdbx_seq_one_letter_code       GYRVTGYETQ 
_entity_poly.pdbx_seq_one_letter_code_can   GYRVTGYETQ 
_entity_poly.pdbx_strand_id                 A 
_entity_poly.pdbx_target_identifier         ? 
# 
_pdbx_entity_nonpoly.entity_id   2 
_pdbx_entity_nonpoly.name        water 
_pdbx_entity_nonpoly.comp_id     HOH 
# 
loop_
_entity_poly_seq.entity_id 
_entity_poly_seq.num 
_entity_poly_seq.mon_id 
_entity_poly_seq.hetero 
1 1  GLY n 
1 2  TYR n 
1 3  ARG n 
1 4  VAL n 
1 5  THR n 
1 6  GLY n 
1 7  TYR n 
1 8  GLU n 
1 9  THR n 
1 10 GLN n 
# 
_pdbx_entity_src_syn.entity_id              1 
_pdbx_entity_src_syn.pdbx_src_id            1 
_pdbx_entity_src_syn.pdbx_alt_source_flag   sample 
_pdbx_entity_src_syn.pdbx_beg_seq_num       1 
_pdbx_entity_src_syn.pdbx_end_seq_num       10 
_pdbx_entity_src_syn.organism_scientific    'Homo sapiens' 
_pdbx_entity_src_syn.organism_common_name   Human 
_pdbx_entity_src_syn.ncbi_taxonomy_id       9606 
_pdbx_entity_src_syn.details                ? 
# 
loop_
_chem_comp.id 
_chem_comp.type 
_chem_comp.mon_nstd_flag 
_chem_comp.name 
_chem_comp.pdbx_synonyms 
_chem_comp.formula 
_chem_comp.formula_weight 
ALA 'L-peptide linking' y ALANINE         ? 'C3 H7 N O2'     89.093  
ARG 'L-peptide linking' y ARGININE        ? 'C6 H15 N4 O2 1' 175.209 
GLN 'L-peptide linking' y GLUTAMINE       ? 'C5 H10 N2 O3'   146.144 
GLU 'L-peptide linking' y 'GLUTAMIC ACID' ? 'C5 H9 N O4'     147.129 
GLY 'peptide linking'   y GLYCINE         ? 'C2 H5 N O2'     75.067  
HOH non-polymer         . WATER           ? 'H2 O'           18.015  
THR 'L-peptide linking' y THREONINE       ? 'C4 H9 N O3'     119.119 
TYR 'L-peptide linking' y TYROSINE        ? 'C9 H11 N O3'    181.189 
VAL 'L-peptide linking' y VALINE          ? 'C5 H11 N O2'    117.146 
# 
loop_
_pdbx_poly_seq_scheme.asym_id 
_pdbx_poly_seq_scheme.entity_id 
_pdbx_poly_seq_scheme.seq_id 
_pdbx_poly_seq_scheme.mon_id 
_pdbx_poly_seq_scheme.ndb_seq_num 
_pdbx_poly_seq_scheme.pdb_seq_num 
_pdbx_poly_seq_scheme.auth_seq_num 
_pdbx_poly_seq_scheme.pdb_mon_id 
_pdbx_poly_seq_scheme.auth_mon_id 
_pdbx_poly_seq_scheme.pdb_strand_id 
_pdbx_poly_seq_scheme.pdb_ins_code 
_pdbx_poly_seq_scheme.hetero 
A 1 1  GLY 1  1  1  GLY GLY A . n 
A 1 2  TYR 2  2  2  TYR TYR A . n 
A 1 3  ARG 3  3  3  ARG ARG A . n 
A 1 4  VAL 4  4  4  VAL VAL A . n 
A 1 5  THR 5  5  5  THR THR A . n 
A 1 6  GLY 6  6  6  GLY GLY A . n 
A 1 7  TYR 7  7  7  TYR TYR A . n 
A 1 8  GLU 8  8  8  GLU GLU A . n 
A 1 9  THR 9  9  9  THR THR A . n 
A 1 10 GLN 10 10 10 GLN GLN A . n 
# 
loop_
_pdbx_nonpoly_scheme.asym_id 
_pdbx_nonpoly_scheme.entity_id 
_pdbx_nonpoly_scheme.mon_id 
_pdbx_nonpoly_scheme.ndb_seq_num 
_pdbx_nonpoly_scheme.pdb_seq_num 
_pdbx_nonpoly_scheme.auth_seq_num 
_pdbx_nonpoly_scheme.pdb_mon_id 
_pdbx_nonpoly_scheme.auth_mon_id 
_pdbx_nonpoly_scheme.pdb_strand_id 
_pdbx_nonpoly_scheme.pdb_ins_code 
B 2 HOH 1 101 102 HOH HOH A . 
B 2 HOH 2 102 101 HOH HOH A . 
B 2 HOH 3 103 103 HOH HOH A . 
# 
loop_
_software.citation_id 
_software.classification 
_software.compiler_name 
_software.compiler_version 
_software.contact_author 
_software.contact_author_email 
_software.date 
_software.description 
_software.dependencies 
_software.hardware 
_software.language 
_software.location 
_software.mods 
_software.name 
_software.os 
_software.os_version 
_software.type 
_software.version 
_software.pdbx_ordinal 
? refinement        ? ? 'Paul D. Adams' PDAdams@lbl.gov          ?               ? ? ? C++ http://www.phenix-online.org/ ? PHENIX 
? ? package 1.12_2829 1 
? 'data extraction' ? ? PDB             deposit@deposit.rcsb.org 'Oct. 31, 2020' ? ? ? C++ 
http://sw-tools.pdb.org/apps/PDB_EXTRACT/ ? PDB_EXTRACT ? ? package 3.27      2 
# 
_cell.angle_alpha                  90.000 
_cell.angle_alpha_esd              ? 
_cell.angle_beta                   116.150 
_cell.angle_beta_esd               ? 
_cell.angle_gamma                  90.000 
_cell.angle_gamma_esd              ? 
_cell.entry_id                     7VI4 
_cell.details                      ? 
_cell.formula_units_Z              ? 
_cell.length_a                     30.680 
_cell.length_a_esd                 ? 
_cell.length_b                     9.630 
_cell.length_b_esd                 ? 
_cell.length_c                     26.250 
_cell.length_c_esd                 ? 
_cell.volume                       ? 
_cell.volume_esd                   ? 
_cell.Z_PDB                        4 
_cell.reciprocal_angle_alpha       ? 
_cell.reciprocal_angle_beta        ? 
_cell.reciprocal_angle_gamma       ? 
_cell.reciprocal_angle_alpha_esd   ? 
_cell.reciprocal_angle_beta_esd    ? 
_cell.reciprocal_angle_gamma_esd   ? 
_cell.reciprocal_length_a          ? 
_cell.reciprocal_length_b          ? 
_cell.reciprocal_length_c          ? 
_cell.reciprocal_length_a_esd      ? 
_cell.reciprocal_length_b_esd      ? 
_cell.reciprocal_length_c_esd      ? 
_cell.pdbx_unique_axis             ? 
# 
_symmetry.entry_id                         7VI4 
_symmetry.cell_setting                     ? 
_symmetry.Int_Tables_number                5 
_symmetry.space_group_name_Hall            ? 
_symmetry.space_group_name_H-M             'C 1 2 1' 
_symmetry.pdbx_full_space_group_name_H-M   ? 
# 
_exptl.absorpt_coefficient_mu     ? 
_exptl.absorpt_correction_T_max   ? 
_exptl.absorpt_correction_T_min   ? 
_exptl.absorpt_correction_type    ? 
_exptl.absorpt_process_details    ? 
_exptl.entry_id                   7VI4 
_exptl.crystals_number            ? 
_exptl.details                    ? 
_exptl.method                     'ELECTRON CRYSTALLOGRAPHY' 
_exptl.method_details             ? 
# 
_refine.aniso_B[1][1]                            ? 
_refine.aniso_B[1][2]                            ? 
_refine.aniso_B[1][3]                            ? 
_refine.aniso_B[2][2]                            ? 
_refine.aniso_B[2][3]                            ? 
_refine.aniso_B[3][3]                            ? 
_refine.B_iso_max                                31.270 
_refine.B_iso_mean                               6.7458 
_refine.B_iso_min                                0.560 
_refine.correlation_coeff_Fo_to_Fc               ? 
_refine.correlation_coeff_Fo_to_Fc_free          ? 
_refine.details                                  ? 
_refine.diff_density_max                         ? 
_refine.diff_density_max_esd                     ? 
_refine.diff_density_min                         ? 
_refine.diff_density_min_esd                     ? 
_refine.diff_density_rms                         ? 
_refine.diff_density_rms_esd                     ? 
_refine.entry_id                                 7VI4 
_refine.pdbx_refine_id                           'ELECTRON CRYSTALLOGRAPHY' 
_refine.ls_abs_structure_details                 ? 
_refine.ls_abs_structure_Flack                   ? 
_refine.ls_abs_structure_Flack_esd               ? 
_refine.ls_abs_structure_Rogers                  ? 
_refine.ls_abs_structure_Rogers_esd              ? 
_refine.ls_d_res_high                            0.9500 
_refine.ls_d_res_low                             15.1470 
_refine.ls_extinction_coef                       ? 
_refine.ls_extinction_coef_esd                   ? 
_refine.ls_extinction_expression                 ? 
_refine.ls_extinction_method                     ? 
_refine.ls_goodness_of_fit_all                   ? 
_refine.ls_goodness_of_fit_all_esd               ? 
_refine.ls_goodness_of_fit_obs                   ? 
_refine.ls_goodness_of_fit_obs_esd               ? 
_refine.ls_hydrogen_treatment                    ? 
_refine.ls_matrix_type                           ? 
_refine.ls_number_constraints                    ? 
_refine.ls_number_parameters                     ? 
_refine.ls_number_reflns_all                     ? 
_refine.ls_number_reflns_obs                     3537 
_refine.ls_number_reflns_R_free                  356 
_refine.ls_number_reflns_R_work                  3181 
_refine.ls_number_restraints                     ? 
_refine.ls_percent_reflns_obs                    77.5700 
_refine.ls_percent_reflns_R_free                 10.0700 
_refine.ls_R_factor_all                          ? 
_refine.ls_R_factor_obs                          0.2558 
_refine.ls_R_factor_R_free                       0.3073 
_refine.ls_R_factor_R_free_error                 ? 
_refine.ls_R_factor_R_free_error_details         ? 
_refine.ls_R_factor_R_work                       0.2491 
_refine.ls_R_Fsqd_factor_obs                     ? 
_refine.ls_R_I_factor_obs                        ? 
_refine.ls_redundancy_reflns_all                 ? 
_refine.ls_redundancy_reflns_obs                 ? 
_refine.ls_restrained_S_all                      ? 
_refine.ls_restrained_S_obs                      ? 
_refine.ls_shift_over_esd_max                    ? 
_refine.ls_shift_over_esd_mean                   ? 
_refine.ls_structure_factor_coef                 ? 
_refine.ls_weighting_details                     ? 
_refine.ls_weighting_scheme                      ? 
_refine.ls_wR_factor_all                         ? 
_refine.ls_wR_factor_obs                         ? 
_refine.ls_wR_factor_R_free                      ? 
_refine.ls_wR_factor_R_work                      ? 
_refine.occupancy_max                            ? 
_refine.occupancy_min                            ? 
_refine.solvent_model_details                    'FLAT BULK SOLVENT MODEL' 
_refine.solvent_model_param_bsol                 ? 
_refine.solvent_model_param_ksol                 ? 
_refine.pdbx_R_complete                          ? 
_refine.ls_R_factor_gt                           ? 
_refine.ls_goodness_of_fit_gt                    ? 
_refine.ls_goodness_of_fit_ref                   ? 
_refine.ls_shift_over_su_max                     ? 
_refine.ls_shift_over_su_max_lt                  ? 
_refine.ls_shift_over_su_mean                    ? 
_refine.ls_shift_over_su_mean_lt                 ? 
_refine.pdbx_ls_sigma_I                          ? 
_refine.pdbx_ls_sigma_F                          1.350 
_refine.pdbx_ls_sigma_Fsqd                       ? 
_refine.pdbx_data_cutoff_high_absF               ? 
_refine.pdbx_data_cutoff_high_rms_absF           ? 
_refine.pdbx_data_cutoff_low_absF                ? 
_refine.pdbx_isotropic_thermal_model             ? 
_refine.pdbx_ls_cross_valid_method               THROUGHOUT 
_refine.pdbx_method_to_determine_struct          ? 
_refine.pdbx_starting_model                      ? 
_refine.pdbx_stereochemistry_target_values       ML 
_refine.pdbx_R_Free_selection_details            ? 
_refine.pdbx_stereochem_target_val_spec_case     ? 
_refine.pdbx_overall_ESU_R                       ? 
_refine.pdbx_overall_ESU_R_Free                  ? 
_refine.pdbx_solvent_vdw_probe_radii             1.1100 
_refine.pdbx_solvent_ion_probe_radii             ? 
_refine.pdbx_solvent_shrinkage_radii             0.9000 
_refine.pdbx_real_space_R                        ? 
_refine.pdbx_density_correlation                 ? 
_refine.pdbx_pd_number_of_powder_patterns        ? 
_refine.pdbx_pd_number_of_points                 ? 
_refine.pdbx_pd_meas_number_of_points            ? 
_refine.pdbx_pd_proc_ls_prof_R_factor            ? 
_refine.pdbx_pd_proc_ls_prof_wR_factor           ? 
_refine.pdbx_pd_Marquardt_correlation_coeff      ? 
_refine.pdbx_pd_Fsqrd_R_factor                   ? 
_refine.pdbx_pd_ls_matrix_band_width             ? 
_refine.pdbx_overall_phase_error                 34.6600 
_refine.pdbx_overall_SU_R_free_Cruickshank_DPI   ? 
_refine.pdbx_overall_SU_R_free_Blow_DPI          ? 
_refine.pdbx_overall_SU_R_Blow_DPI               ? 
_refine.pdbx_TLS_residual_ADP_flag               ? 
_refine.pdbx_diffrn_id                           1 
_refine.overall_SU_B                             ? 
_refine.overall_SU_ML                            0.1600 
_refine.overall_SU_R_Cruickshank_DPI             ? 
_refine.overall_SU_R_free                        ? 
_refine.overall_FOM_free_R_set                   ? 
_refine.overall_FOM_work_R_set                   ? 
_refine.pdbx_average_fsc_overall                 ? 
_refine.pdbx_average_fsc_work                    ? 
_refine.pdbx_average_fsc_free                    ? 
# 
_refine_hist.pdbx_refine_id                   'ELECTRON CRYSTALLOGRAPHY' 
_refine_hist.cycle_id                         final 
_refine_hist.details                          ? 
_refine_hist.d_res_high                       0.9500 
_refine_hist.d_res_low                        15.1470 
_refine_hist.number_atoms_solvent             4 
_refine_hist.number_atoms_total               87 
_refine_hist.number_reflns_all                ? 
_refine_hist.number_reflns_obs                ? 
_refine_hist.number_reflns_R_free             ? 
_refine_hist.number_reflns_R_work             ? 
_refine_hist.R_factor_all                     ? 
_refine_hist.R_factor_obs                     ? 
_refine_hist.R_factor_R_free                  ? 
_refine_hist.R_factor_R_work                  ? 
_refine_hist.pdbx_number_residues_total       10 
_refine_hist.pdbx_B_iso_mean_ligand           ? 
_refine_hist.pdbx_B_iso_mean_solvent          8.28 
_refine_hist.pdbx_number_atoms_protein        83 
_refine_hist.pdbx_number_atoms_nucleic_acid   0 
_refine_hist.pdbx_number_atoms_ligand         0 
_refine_hist.pdbx_number_atoms_lipid          ? 
_refine_hist.pdbx_number_atoms_carb           ? 
_refine_hist.pdbx_pseudo_atom_details         ? 
# 
loop_
_refine_ls_restr.pdbx_refine_id 
_refine_ls_restr.criterion 
_refine_ls_restr.dev_ideal 
_refine_ls_restr.dev_ideal_target 
_refine_ls_restr.number 
_refine_ls_restr.rejects 
_refine_ls_restr.type 
_refine_ls_restr.weight 
_refine_ls_restr.pdbx_restraint_function 
'ELECTRON CRYSTALLOGRAPHY' ? 0.059  ? 84  ? f_bond_d           ? ? 
'ELECTRON CRYSTALLOGRAPHY' ? 3.442  ? 113 ? f_angle_d          ? ? 
'ELECTRON CRYSTALLOGRAPHY' ? 0.172  ? 11  ? f_chiral_restr     ? ? 
'ELECTRON CRYSTALLOGRAPHY' ? 0.052  ? 15  ? f_plane_restr      ? ? 
'ELECTRON CRYSTALLOGRAPHY' ? 34.424 ? 30  ? f_dihedral_angle_d ? ? 
# 
loop_
_refine_ls_shell.pdbx_refine_id 
_refine_ls_shell.d_res_high 
_refine_ls_shell.d_res_low 
_refine_ls_shell.number_reflns_all 
_refine_ls_shell.number_reflns_obs 
_refine_ls_shell.number_reflns_R_free 
_refine_ls_shell.number_reflns_R_work 
_refine_ls_shell.percent_reflns_obs 
_refine_ls_shell.percent_reflns_R_free 
_refine_ls_shell.R_factor_all 
_refine_ls_shell.R_factor_obs 
_refine_ls_shell.R_factor_R_free 
_refine_ls_shell.R_factor_R_free_error 
_refine_ls_shell.R_factor_R_work 
_refine_ls_shell.redundancy_reflns_all 
_refine_ls_shell.redundancy_reflns_obs 
_refine_ls_shell.wR_factor_all 
_refine_ls_shell.wR_factor_obs 
_refine_ls_shell.wR_factor_R_free 
_refine_ls_shell.wR_factor_R_work 
_refine_ls_shell.pdbx_R_complete 
_refine_ls_shell.pdbx_total_number_of_bins_used 
_refine_ls_shell.pdbx_phase_error 
_refine_ls_shell.pdbx_fsc_work 
_refine_ls_shell.pdbx_fsc_free 
'ELECTRON CRYSTALLOGRAPHY' 0.9502 1.0876  . . 116 1036 77.0000 . . . 0.3778 0.0000 0.2993 . . . . . . . . . . . 
'ELECTRON CRYSTALLOGRAPHY' 1.0876 1.3701  . . 119 1057 78.0000 . . . 0.2757 0.0000 0.2511 . . . . . . . . . . . 
'ELECTRON CRYSTALLOGRAPHY' 1.3701 15.1470 . . 121 1088 77.0000 . . . 0.2947 0.0000 0.2252 . . . . . . . . . . . 
# 
_struct.entry_id                     7VI4 
_struct.title                        'Electron crystallographic structure of TIA-1 prion-like domain, A381T mutant' 
_struct.pdbx_model_details           ? 
_struct.pdbx_formula_weight          ? 
_struct.pdbx_formula_weight_method   ? 
_struct.pdbx_model_type_details      ? 
_struct.pdbx_CASP_flag               N 
# 
_struct_keywords.entry_id        7VI4 
_struct_keywords.text            'ALS, prion, fibril, PROTEIN FIBRIL' 
_struct_keywords.pdbx_keywords   'PROTEIN FIBRIL' 
# 
loop_
_struct_asym.id 
_struct_asym.pdbx_blank_PDB_chainid_flag 
_struct_asym.pdbx_modified 
_struct_asym.entity_id 
_struct_asym.details 
A N N 1 ? 
B N N 2 ? 
# 
_struct_ref.id                         1 
_struct_ref.db_name                    UNP 
_struct_ref.db_code                    TIA1_HUMAN 
_struct_ref.pdbx_db_accession          P31483 
_struct_ref.pdbx_db_isoform            ? 
_struct_ref.entity_id                  1 
_struct_ref.pdbx_seq_one_letter_code   GYRVAGYETQ 
_struct_ref.pdbx_align_begin           377 
# 
_struct_ref_seq.align_id                      1 
_struct_ref_seq.ref_id                        1 
_struct_ref_seq.pdbx_PDB_id_code              7VI4 
_struct_ref_seq.pdbx_strand_id                A 
_struct_ref_seq.seq_align_beg                 1 
_struct_ref_seq.pdbx_seq_align_beg_ins_code   ? 
_struct_ref_seq.seq_align_end                 10 
_struct_ref_seq.pdbx_seq_align_end_ins_code   ? 
_struct_ref_seq.pdbx_db_accession             P31483 
_struct_ref_seq.db_align_beg                  377 
_struct_ref_seq.pdbx_db_align_beg_ins_code    ? 
_struct_ref_seq.db_align_end                  386 
_struct_ref_seq.pdbx_db_align_end_ins_code    ? 
_struct_ref_seq.pdbx_auth_seq_align_beg       1 
_struct_ref_seq.pdbx_auth_seq_align_end       10 
# 
_struct_ref_seq_dif.align_id                     1 
_struct_ref_seq_dif.pdbx_pdb_id_code             7VI4 
_struct_ref_seq_dif.mon_id                       THR 
_struct_ref_seq_dif.pdbx_pdb_strand_id           A 
_struct_ref_seq_dif.seq_num                      5 
_struct_ref_seq_dif.pdbx_pdb_ins_code            ? 
_struct_ref_seq_dif.pdbx_seq_db_name             UNP 
_struct_ref_seq_dif.pdbx_seq_db_accession_code   P31483 
_struct_ref_seq_dif.db_mon_id                    ALA 
_struct_ref_seq_dif.pdbx_seq_db_seq_num          381 
_struct_ref_seq_dif.details                      'engineered mutation' 
_struct_ref_seq_dif.pdbx_auth_seq_num            5 
_struct_ref_seq_dif.pdbx_ordinal                 1 
# 
_pdbx_struct_assembly.id                   1 
_pdbx_struct_assembly.details              author_defined_assembly 
_pdbx_struct_assembly.method_details       ? 
_pdbx_struct_assembly.oligomeric_details   monomeric 
_pdbx_struct_assembly.oligomeric_count     1 
# 
_pdbx_struct_assembly_gen.assembly_id       1 
_pdbx_struct_assembly_gen.oper_expression   1 
_pdbx_struct_assembly_gen.asym_id_list      A,B 
# 
_pdbx_struct_assembly_auth_evidence.id                     1 
_pdbx_struct_assembly_auth_evidence.assembly_id            1 
_pdbx_struct_assembly_auth_evidence.experimental_support   'electron microscopy' 
_pdbx_struct_assembly_auth_evidence.details                ? 
# 
_pdbx_struct_oper_list.id                   1 
_pdbx_struct_oper_list.type                 'identity operation' 
_pdbx_struct_oper_list.name                 1_555 
_pdbx_struct_oper_list.symmetry_operation   x,y,z 
_pdbx_struct_oper_list.matrix[1][1]         1.0000000000 
_pdbx_struct_oper_list.matrix[1][2]         0.0000000000 
_pdbx_struct_oper_list.matrix[1][3]         0.0000000000 
_pdbx_struct_oper_list.vector[1]            0.0000000000 
_pdbx_struct_oper_list.matrix[2][1]         0.0000000000 
_pdbx_struct_oper_list.matrix[2][2]         1.0000000000 
_pdbx_struct_oper_list.matrix[2][3]         0.0000000000 
_pdbx_struct_oper_list.vector[2]            0.0000000000 
_pdbx_struct_oper_list.matrix[3][1]         0.0000000000 
_pdbx_struct_oper_list.matrix[3][2]         0.0000000000 
_pdbx_struct_oper_list.matrix[3][3]         1.0000000000 
_pdbx_struct_oper_list.vector[3]            0.0000000000 
# 
loop_
_pdbx_validate_rmsd_bond.id 
_pdbx_validate_rmsd_bond.PDB_model_num 
_pdbx_validate_rmsd_bond.auth_atom_id_1 
_pdbx_validate_rmsd_bond.auth_asym_id_1 
_pdbx_validate_rmsd_bond.auth_comp_id_1 
_pdbx_validate_rmsd_bond.auth_seq_id_1 
_pdbx_validate_rmsd_bond.PDB_ins_code_1 
_pdbx_validate_rmsd_bond.label_alt_id_1 
_pdbx_validate_rmsd_bond.auth_atom_id_2 
_pdbx_validate_rmsd_bond.auth_asym_id_2 
_pdbx_validate_rmsd_bond.auth_comp_id_2 
_pdbx_validate_rmsd_bond.auth_seq_id_2 
_pdbx_validate_rmsd_bond.PDB_ins_code_2 
_pdbx_validate_rmsd_bond.label_alt_id_2 
_pdbx_validate_rmsd_bond.bond_value 
_pdbx_validate_rmsd_bond.bond_target_value 
_pdbx_validate_rmsd_bond.bond_deviation 
_pdbx_validate_rmsd_bond.bond_standard_deviation 
_pdbx_validate_rmsd_bond.linker_flag 
1 1 N  A GLN 10 ? ? CA  A GLN 10 ? ? 1.259 1.459 -0.200 0.020 N 
2 1 CA A GLN 10 ? ? CB  A GLN 10 ? ? 1.849 1.535 0.314  0.022 N 
3 1 C  A GLN 10 ? ? O   A GLN 10 ? ? 0.959 1.229 -0.270 0.019 N 
4 1 C  A GLN 10 ? ? OXT A GLN 10 ? ? 1.394 1.229 0.165  0.019 N 
# 
loop_
_pdbx_validate_rmsd_angle.id 
_pdbx_validate_rmsd_angle.PDB_model_num 
_pdbx_validate_rmsd_angle.auth_atom_id_1 
_pdbx_validate_rmsd_angle.auth_asym_id_1 
_pdbx_validate_rmsd_angle.auth_comp_id_1 
_pdbx_validate_rmsd_angle.auth_seq_id_1 
_pdbx_validate_rmsd_angle.PDB_ins_code_1 
_pdbx_validate_rmsd_angle.label_alt_id_1 
_pdbx_validate_rmsd_angle.auth_atom_id_2 
_pdbx_validate_rmsd_angle.auth_asym_id_2 
_pdbx_validate_rmsd_angle.auth_comp_id_2 
_pdbx_validate_rmsd_angle.auth_seq_id_2 
_pdbx_validate_rmsd_angle.PDB_ins_code_2 
_pdbx_validate_rmsd_angle.label_alt_id_2 
_pdbx_validate_rmsd_angle.auth_atom_id_3 
_pdbx_validate_rmsd_angle.auth_asym_id_3 
_pdbx_validate_rmsd_angle.auth_comp_id_3 
_pdbx_validate_rmsd_angle.auth_seq_id_3 
_pdbx_validate_rmsd_angle.PDB_ins_code_3 
_pdbx_validate_rmsd_angle.label_alt_id_3 
_pdbx_validate_rmsd_angle.angle_value 
_pdbx_validate_rmsd_angle.angle_target_value 
_pdbx_validate_rmsd_angle.angle_deviation 
_pdbx_validate_rmsd_angle.angle_standard_deviation 
_pdbx_validate_rmsd_angle.linker_flag 
1 1 CD A ARG 3  ? ? NE A ARG 3  ? ? CZ  A ARG 3  ? ? 134.75 123.60 11.15  1.40 N 
2 1 NE A ARG 3  ? ? CZ A ARG 3  ? ? NH1 A ARG 3  ? ? 125.93 120.30 5.63   0.50 N 
3 1 NE A ARG 3  ? ? CZ A ARG 3  ? ? NH2 A ARG 3  ? ? 116.07 120.30 -4.23  0.50 N 
4 1 CA A GLN 10 ? ? C  A GLN 10 ? ? O   A GLN 10 ? ? 104.82 120.10 -15.28 2.10 N 
# 
_pdbx_validate_planes.id              1 
_pdbx_validate_planes.PDB_model_num   1 
_pdbx_validate_planes.auth_comp_id    ARG 
_pdbx_validate_planes.auth_asym_id    A 
_pdbx_validate_planes.auth_seq_id     3 
_pdbx_validate_planes.PDB_ins_code    ? 
_pdbx_validate_planes.label_alt_id    ? 
_pdbx_validate_planes.rmsd            0.191 
_pdbx_validate_planes.type            'SIDE CHAIN' 
# 
_em_3d_fitting.entry_id          7VI4 
_em_3d_fitting.id                1 
_em_3d_fitting.details           ? 
_em_3d_fitting.overall_b_value   ? 
_em_3d_fitting.ref_protocol      ? 
_em_3d_fitting.ref_space         ? 
_em_3d_fitting.target_criteria   ? 
_em_3d_fitting.method            ? 
# 
_em_3d_reconstruction.entry_id                    7VI4 
_em_3d_reconstruction.id                          1 
_em_3d_reconstruction.algorithm                   ? 
_em_3d_reconstruction.details                     ? 
_em_3d_reconstruction.refinement_type             ? 
_em_3d_reconstruction.image_processing_id         1 
_em_3d_reconstruction.num_class_averages          ? 
_em_3d_reconstruction.num_particles               ? 
_em_3d_reconstruction.resolution                  ? 
_em_3d_reconstruction.resolution_method           'DIFFRACTION PATTERN/LAYERLINES' 
_em_3d_reconstruction.symmetry_type               '3D CRYSTAL' 
_em_3d_reconstruction.method                      ? 
_em_3d_reconstruction.nominal_pixel_size          ? 
_em_3d_reconstruction.actual_pixel_size           ? 
_em_3d_reconstruction.magnification_calibration   ? 
# 
_em_buffer.id            1 
_em_buffer.details       ? 
_em_buffer.pH            7.5 
_em_buffer.specimen_id   1 
_em_buffer.name          ? 
# 
_em_entity_assembly.id                   1 
_em_entity_assembly.parent_id            0 
_em_entity_assembly.details              ? 
_em_entity_assembly.name                 'Region 2 peptides (G377-A386) of TIA-1 prion-like domain, A381T' 
_em_entity_assembly.source               NATURAL 
_em_entity_assembly.type                 CELL 
_em_entity_assembly.entity_id_list       1 
_em_entity_assembly.synonym              ? 
_em_entity_assembly.oligomeric_details   ? 
# 
_em_image_scans.entry_id                7VI4 
_em_image_scans.id                      1 
_em_image_scans.dimension_height        4096 
_em_image_scans.dimension_width         4096 
_em_image_scans.frames_per_image        20 
_em_image_scans.image_recording_id      1 
_em_image_scans.sampling_size           6.5 
_em_image_scans.scanner_model           ? 
_em_image_scans.used_frames_per_image   ? 
_em_image_scans.citation_id             ? 
_em_image_scans.number_digital_images   ? 
_em_image_scans.od_range                ? 
_em_image_scans.quant_bit_size          ? 
_em_image_scans.details                 ? 
# 
_em_imaging.id                              1 
_em_imaging.entry_id                        7VI4 
_em_imaging.accelerating_voltage            300 
_em_imaging.alignment_procedure             ? 
_em_imaging.c2_aperture_diameter            ? 
_em_imaging.calibrated_defocus_max          ? 
_em_imaging.calibrated_defocus_min          ? 
_em_imaging.calibrated_magnification        ? 
_em_imaging.cryogen                         ? 
_em_imaging.details                         ? 
_em_imaging.electron_source                 'FIELD EMISSION GUN' 
_em_imaging.illumination_mode               'FLOOD BEAM' 
_em_imaging.microscope_model                'JEOL CRYO ARM 300' 
_em_imaging.mode                            DIFFRACTION 
_em_imaging.nominal_cs                      ? 
_em_imaging.nominal_defocus_max             ? 
_em_imaging.nominal_defocus_min             ? 
_em_imaging.nominal_magnification           ? 
_em_imaging.recording_temperature_maximum   ? 
_em_imaging.recording_temperature_minimum   ? 
_em_imaging.residual_tilt                   ? 
_em_imaging.specimen_holder_model           ? 
_em_imaging.specimen_id                     1 
_em_imaging.citation_id                     ? 
_em_imaging.date                            ? 
_em_imaging.temperature                     ? 
_em_imaging.tilt_angle_min                  ? 
_em_imaging.tilt_angle_max                  ? 
_em_imaging.astigmatism                     ? 
_em_imaging.detector_distance               ? 
_em_imaging.electron_beam_tilt_params       ? 
_em_imaging.specimen_holder_type            ? 
# 
_em_sample_support.id               1 
_em_sample_support.specimen_id      1 
_em_sample_support.details          ? 
_em_sample_support.grid_material    COPPER 
_em_sample_support.grid_mesh_size   200 
_em_sample_support.grid_type        'Quantifoil R1.2/1.3' 
_em_sample_support.method           ? 
_em_sample_support.film_material    ? 
# 
_em_experiment.entry_id                7VI4 
_em_experiment.id                      1 
_em_experiment.aggregation_state       FILAMENT 
_em_experiment.reconstruction_method   CRYSTALLOGRAPHY 
_em_experiment.entity_assembly_id      1 
# 
loop_
_chem_comp_atom.comp_id 
_chem_comp_atom.atom_id 
_chem_comp_atom.type_symbol 
_chem_comp_atom.pdbx_aromatic_flag 
_chem_comp_atom.pdbx_stereo_config 
_chem_comp_atom.pdbx_ordinal 
ALA N    N N N 1   
ALA CA   C N S 2   
ALA C    C N N 3   
ALA O    O N N 4   
ALA CB   C N N 5   
ALA OXT  O N N 6   
ALA H    H N N 7   
ALA H2   H N N 8   
ALA HA   H N N 9   
ALA HB1  H N N 10  
ALA HB2  H N N 11  
ALA HB3  H N N 12  
ALA HXT  H N N 13  
ARG N    N N N 14  
ARG CA   C N S 15  
ARG C    C N N 16  
ARG O    O N N 17  
ARG CB   C N N 18  
ARG CG   C N N 19  
ARG CD   C N N 20  
ARG NE   N N N 21  
ARG CZ   C N N 22  
ARG NH1  N N N 23  
ARG NH2  N N N 24  
ARG OXT  O N N 25  
ARG H    H N N 26  
ARG H2   H N N 27  
ARG HA   H N N 28  
ARG HB2  H N N 29  
ARG HB3  H N N 30  
ARG HG2  H N N 31  
ARG HG3  H N N 32  
ARG HD2  H N N 33  
ARG HD3  H N N 34  
ARG HE   H N N 35  
ARG HH11 H N N 36  
ARG HH12 H N N 37  
ARG HH21 H N N 38  
ARG HH22 H N N 39  
ARG HXT  H N N 40  
GLN N    N N N 41  
GLN CA   C N S 42  
GLN C    C N N 43  
GLN O    O N N 44  
GLN CB   C N N 45  
GLN CG   C N N 46  
GLN CD   C N N 47  
GLN OE1  O N N 48  
GLN NE2  N N N 49  
GLN OXT  O N N 50  
GLN H    H N N 51  
GLN H2   H N N 52  
GLN HA   H N N 53  
GLN HB2  H N N 54  
GLN HB3  H N N 55  
GLN HG2  H N N 56  
GLN HG3  H N N 57  
GLN HE21 H N N 58  
GLN HE22 H N N 59  
GLN HXT  H N N 60  
GLU N    N N N 61  
GLU CA   C N S 62  
GLU C    C N N 63  
GLU O    O N N 64  
GLU CB   C N N 65  
GLU CG   C N N 66  
GLU CD   C N N 67  
GLU OE1  O N N 68  
GLU OE2  O N N 69  
GLU OXT  O N N 70  
GLU H    H N N 71  
GLU H2   H N N 72  
GLU HA   H N N 73  
GLU HB2  H N N 74  
GLU HB3  H N N 75  
GLU HG2  H N N 76  
GLU HG3  H N N 77  
GLU HE2  H N N 78  
GLU HXT  H N N 79  
GLY N    N N N 80  
GLY CA   C N N 81  
GLY C    C N N 82  
GLY O    O N N 83  
GLY OXT  O N N 84  
GLY H    H N N 85  
GLY H2   H N N 86  
GLY HA2  H N N 87  
GLY HA3  H N N 88  
GLY HXT  H N N 89  
HOH O    O N N 90  
HOH H1   H N N 91  
HOH H2   H N N 92  
THR N    N N N 93  
THR CA   C N S 94  
THR C    C N N 95  
THR O    O N N 96  
THR CB   C N R 97  
THR OG1  O N N 98  
THR CG2  C N N 99  
THR OXT  O N N 100 
THR H    H N N 101 
THR H2   H N N 102 
THR HA   H N N 103 
THR HB   H N N 104 
THR HG1  H N N 105 
THR HG21 H N N 106 
THR HG22 H N N 107 
THR HG23 H N N 108 
THR HXT  H N N 109 
TYR N    N N N 110 
TYR CA   C N S 111 
TYR C    C N N 112 
TYR O    O N N 113 
TYR CB   C N N 114 
TYR CG   C Y N 115 
TYR CD1  C Y N 116 
TYR CD2  C Y N 117 
TYR CE1  C Y N 118 
TYR CE2  C Y N 119 
TYR CZ   C Y N 120 
TYR OH   O N N 121 
TYR OXT  O N N 122 
TYR H    H N N 123 
TYR H2   H N N 124 
TYR HA   H N N 125 
TYR HB2  H N N 126 
TYR HB3  H N N 127 
TYR HD1  H N N 128 
TYR HD2  H N N 129 
TYR HE1  H N N 130 
TYR HE2  H N N 131 
TYR HH   H N N 132 
TYR HXT  H N N 133 
VAL N    N N N 134 
VAL CA   C N S 135 
VAL C    C N N 136 
VAL O    O N N 137 
VAL CB   C N N 138 
VAL CG1  C N N 139 
VAL CG2  C N N 140 
VAL OXT  O N N 141 
VAL H    H N N 142 
VAL H2   H N N 143 
VAL HA   H N N 144 
VAL HB   H N N 145 
VAL HG11 H N N 146 
VAL HG12 H N N 147 
VAL HG13 H N N 148 
VAL HG21 H N N 149 
VAL HG22 H N N 150 
VAL HG23 H N N 151 
VAL HXT  H N N 152 
# 
loop_
_chem_comp_bond.comp_id 
_chem_comp_bond.atom_id_1 
_chem_comp_bond.atom_id_2 
_chem_comp_bond.value_order 
_chem_comp_bond.pdbx_aromatic_flag 
_chem_comp_bond.pdbx_stereo_config 
_chem_comp_bond.pdbx_ordinal 
ALA N   CA   sing N N 1   
ALA N   H    sing N N 2   
ALA N   H2   sing N N 3   
ALA CA  C    sing N N 4   
ALA CA  CB   sing N N 5   
ALA CA  HA   sing N N 6   
ALA C   O    doub N N 7   
ALA C   OXT  sing N N 8   
ALA CB  HB1  sing N N 9   
ALA CB  HB2  sing N N 10  
ALA CB  HB3  sing N N 11  
ALA OXT HXT  sing N N 12  
ARG N   CA   sing N N 13  
ARG N   H    sing N N 14  
ARG N   H2   sing N N 15  
ARG CA  C    sing N N 16  
ARG CA  CB   sing N N 17  
ARG CA  HA   sing N N 18  
ARG C   O    doub N N 19  
ARG C   OXT  sing N N 20  
ARG CB  CG   sing N N 21  
ARG CB  HB2  sing N N 22  
ARG CB  HB3  sing N N 23  
ARG CG  CD   sing N N 24  
ARG CG  HG2  sing N N 25  
ARG CG  HG3  sing N N 26  
ARG CD  NE   sing N N 27  
ARG CD  HD2  sing N N 28  
ARG CD  HD3  sing N N 29  
ARG NE  CZ   sing N N 30  
ARG NE  HE   sing N N 31  
ARG CZ  NH1  sing N N 32  
ARG CZ  NH2  doub N N 33  
ARG NH1 HH11 sing N N 34  
ARG NH1 HH12 sing N N 35  
ARG NH2 HH21 sing N N 36  
ARG NH2 HH22 sing N N 37  
ARG OXT HXT  sing N N 38  
GLN N   CA   sing N N 39  
GLN N   H    sing N N 40  
GLN N   H2   sing N N 41  
GLN CA  C    sing N N 42  
GLN CA  CB   sing N N 43  
GLN CA  HA   sing N N 44  
GLN C   O    doub N N 45  
GLN C   OXT  sing N N 46  
GLN CB  CG   sing N N 47  
GLN CB  HB2  sing N N 48  
GLN CB  HB3  sing N N 49  
GLN CG  CD   sing N N 50  
GLN CG  HG2  sing N N 51  
GLN CG  HG3  sing N N 52  
GLN CD  OE1  doub N N 53  
GLN CD  NE2  sing N N 54  
GLN NE2 HE21 sing N N 55  
GLN NE2 HE22 sing N N 56  
GLN OXT HXT  sing N N 57  
GLU N   CA   sing N N 58  
GLU N   H    sing N N 59  
GLU N   H2   sing N N 60  
GLU CA  C    sing N N 61  
GLU CA  CB   sing N N 62  
GLU CA  HA   sing N N 63  
GLU C   O    doub N N 64  
GLU C   OXT  sing N N 65  
GLU CB  CG   sing N N 66  
GLU CB  HB2  sing N N 67  
GLU CB  HB3  sing N N 68  
GLU CG  CD   sing N N 69  
GLU CG  HG2  sing N N 70  
GLU CG  HG3  sing N N 71  
GLU CD  OE1  doub N N 72  
GLU CD  OE2  sing N N 73  
GLU OE2 HE2  sing N N 74  
GLU OXT HXT  sing N N 75  
GLY N   CA   sing N N 76  
GLY N   H    sing N N 77  
GLY N   H2   sing N N 78  
GLY CA  C    sing N N 79  
GLY CA  HA2  sing N N 80  
GLY CA  HA3  sing N N 81  
GLY C   O    doub N N 82  
GLY C   OXT  sing N N 83  
GLY OXT HXT  sing N N 84  
HOH O   H1   sing N N 85  
HOH O   H2   sing N N 86  
THR N   CA   sing N N 87  
THR N   H    sing N N 88  
THR N   H2   sing N N 89  
THR CA  C    sing N N 90  
THR CA  CB   sing N N 91  
THR CA  HA   sing N N 92  
THR C   O    doub N N 93  
THR C   OXT  sing N N 94  
THR CB  OG1  sing N N 95  
THR CB  CG2  sing N N 96  
THR CB  HB   sing N N 97  
THR OG1 HG1  sing N N 98  
THR CG2 HG21 sing N N 99  
THR CG2 HG22 sing N N 100 
THR CG2 HG23 sing N N 101 
THR OXT HXT  sing N N 102 
TYR N   CA   sing N N 103 
TYR N   H    sing N N 104 
TYR N   H2   sing N N 105 
TYR CA  C    sing N N 106 
TYR CA  CB   sing N N 107 
TYR CA  HA   sing N N 108 
TYR C   O    doub N N 109 
TYR C   OXT  sing N N 110 
TYR CB  CG   sing N N 111 
TYR CB  HB2  sing N N 112 
TYR CB  HB3  sing N N 113 
TYR CG  CD1  doub Y N 114 
TYR CG  CD2  sing Y N 115 
TYR CD1 CE1  sing Y N 116 
TYR CD1 HD1  sing N N 117 
TYR CD2 CE2  doub Y N 118 
TYR CD2 HD2  sing N N 119 
TYR CE1 CZ   doub Y N 120 
TYR CE1 HE1  sing N N 121 
TYR CE2 CZ   sing Y N 122 
TYR CE2 HE2  sing N N 123 
TYR CZ  OH   sing N N 124 
TYR OH  HH   sing N N 125 
TYR OXT HXT  sing N N 126 
VAL N   CA   sing N N 127 
VAL N   H    sing N N 128 
VAL N   H2   sing N N 129 
VAL CA  C    sing N N 130 
VAL CA  CB   sing N N 131 
VAL CA  HA   sing N N 132 
VAL C   O    doub N N 133 
VAL C   OXT  sing N N 134 
VAL CB  CG1  sing N N 135 
VAL CB  CG2  sing N N 136 
VAL CB  HB   sing N N 137 
VAL CG1 HG11 sing N N 138 
VAL CG1 HG12 sing N N 139 
VAL CG1 HG13 sing N N 140 
VAL CG2 HG21 sing N N 141 
VAL CG2 HG22 sing N N 142 
VAL CG2 HG23 sing N N 143 
VAL OXT HXT  sing N N 144 
# 
_em_3d_crystal_entity.id                    1 
_em_3d_crystal_entity.image_processing_id   1 
_em_3d_crystal_entity.angle_alpha           90 
_em_3d_crystal_entity.angle_beta            116.15 
_em_3d_crystal_entity.angle_gamma           90 
_em_3d_crystal_entity.length_a              30.68 
_em_3d_crystal_entity.length_b              9.63 
_em_3d_crystal_entity.length_c              26.25 
_em_3d_crystal_entity.space_group_name      C2 
_em_3d_crystal_entity.space_group_num       5 
# 
loop_
_em_buffer_component.buffer_id 
_em_buffer_component.id 
_em_buffer_component.concentration 
_em_buffer_component.concentration_units 
_em_buffer_component.formula 
_em_buffer_component.name 
1 1 0.2 M '(NH4)2HPO4' 'ammonium phosphate' 
1 2 40  % C6H14O2      MPD                  
1 3 0.1 M C8H18N2O4S   HEPES                
# 
_em_ctf_correction.id                       1 
_em_ctf_correction.em_image_processing_id   1 
_em_ctf_correction.type                     NONE 
_em_ctf_correction.details                  ? 
# 
_em_diffraction.id                1 
_em_diffraction.camera_length     1060 
_em_diffraction.imaging_id        1 
_em_diffraction.tilt_angle_list   ? 
# 
_em_diffraction_shell.id                        1 
_em_diffraction_shell.em_diffraction_stats_id   1 
_em_diffraction_shell.fourier_space_coverage    77.7 
_em_diffraction_shell.high_resolution           0.95 
_em_diffraction_shell.low_resolution            15.1 
_em_diffraction_shell.multiplicity              27.0 
_em_diffraction_shell.num_structure_factors     3555 
_em_diffraction_shell.phase_residual            34.66 
# 
_em_diffraction_stats.id                               1 
_em_diffraction_stats.details                          ? 
_em_diffraction_stats.image_processing_id              1 
_em_diffraction_stats.fourier_space_coverage           77.7 
_em_diffraction_stats.high_resolution                  0.95 
_em_diffraction_stats.num_intensities_measured         95985 
_em_diffraction_stats.num_structure_factors            3555 
_em_diffraction_stats.overall_phase_error              ? 
_em_diffraction_stats.overall_phase_residual           ? 
_em_diffraction_stats.phase_error_rejection_criteria   None 
_em_diffraction_stats.r_merge                          37.3 
_em_diffraction_stats.r_sym                            ? 
# 
_em_entity_assembly_naturalsource.id                   2 
_em_entity_assembly_naturalsource.entity_assembly_id   1 
_em_entity_assembly_naturalsource.cell                 ? 
_em_entity_assembly_naturalsource.cellular_location    ? 
_em_entity_assembly_naturalsource.ncbi_tax_id          32630 
_em_entity_assembly_naturalsource.organ                ? 
_em_entity_assembly_naturalsource.organelle            ? 
_em_entity_assembly_naturalsource.organism             'synthetic construct' 
_em_entity_assembly_naturalsource.strain               ? 
_em_entity_assembly_naturalsource.tissue               ? 
# 
_em_image_processing.id                   1 
_em_image_processing.image_recording_id   1 
_em_image_processing.details              ? 
# 
_em_image_recording.id                                  1 
_em_image_recording.imaging_id                          1 
_em_image_recording.avg_electron_dose_per_image         0.02 
_em_image_recording.average_exposure_time               1.0 
_em_image_recording.details                             ? 
_em_image_recording.detector_mode                       INTEGRATING 
_em_image_recording.film_or_detector_model              'DIRECT ELECTRON DE-64 (8k x 8k)' 
_em_image_recording.num_diffraction_images              ? 
_em_image_recording.num_grids_imaged                    ? 
_em_image_recording.num_real_images                     ? 
_em_image_recording.avg_electron_dose_per_subtomogram   ? 
# 
loop_
_em_software.id 
_em_software.category 
_em_software.details 
_em_software.name 
_em_software.version 
_em_software.image_processing_id 
_em_software.fitting_id 
_em_software.imaging_id 
1  'IMAGE ACQUISITION'             ? ? ? ? ? ? 
2  MASKING                         ? ? ? ? ? ? 
3  'CTF CORRECTION'                ? ? ? ? ? ? 
4  'LAYERLINE INDEXING'            ? ? ? ? ? ? 
5  'DIFFRACTION INDEXING'          ? ? ? ? ? ? 
6  'MODEL FITTING'                 ? ? ? ? 1 ? 
7  OTHER                           ? ? ? ? ? ? 
8  'MOLECULAR REPLACEMENT'         ? ? ? ? ? ? 
9  'LATTICE DISTORTION CORRECTION' ? ? ? ? ? ? 
10 'SYMMETRY DETERMINATION'        ? ? ? ? ? ? 
11 'CRYSTALLOGRAPHY MERGING'       ? ? ? ? ? ? 
12 RECONSTRUCTION                  ? ? ? ? ? ? 
13 'MODEL REFINEMENT'              ? ? ? ? 1 ? 
# 
_em_specimen.id                      1 
_em_specimen.experiment_id           1 
_em_specimen.concentration           10 
_em_specimen.details                 ? 
_em_specimen.embedding_applied       NO 
_em_specimen.shadowing_applied       NO 
_em_specimen.staining_applied        NO 
_em_specimen.vitrification_applied   NO 
# 
loop_
_pdbx_audit_support.funding_organization 
_pdbx_audit_support.country 
_pdbx_audit_support.grant_number 
_pdbx_audit_support.ordinal 
'Japan Society for the Promotion of Science (JSPS)'                      Japan JP19K06584      1 
'Japan Science and Technology'                                           Japan JPMJCR1762      2 
'Japan Science and Technology'                                           Japan JPMJMI20G5      3 
'Ministry of Education, Culture, Sports, Science and Technology (Japan)' Japan JPMXS0421700121 4 
'Japan Agency for Medical Research and Development (AMED)'               Japan ?               5 
# 
_pdbx_related_exp_data_set.data_reference       10.5281/zenodo.6921032 
_pdbx_related_exp_data_set.data_set_type        'diffraction image data' 
_pdbx_related_exp_data_set.details              ? 
_pdbx_related_exp_data_set.metadata_reference   ? 
_pdbx_related_exp_data_set.ordinal              1 
# 
_atom_sites.entry_id                    7VI4 
_atom_sites.Cartn_transf_matrix[1][1]   ? 
_atom_sites.Cartn_transf_matrix[1][2]   ? 
_atom_sites.Cartn_transf_matrix[1][3]   ? 
_atom_sites.Cartn_transf_matrix[2][1]   ? 
_atom_sites.Cartn_transf_matrix[2][2]   ? 
_atom_sites.Cartn_transf_matrix[2][3]   ? 
_atom_sites.Cartn_transf_matrix[3][1]   ? 
_atom_sites.Cartn_transf_matrix[3][2]   ? 
_atom_sites.Cartn_transf_matrix[3][3]   ? 
_atom_sites.Cartn_transf_vector[1]      ? 
_atom_sites.Cartn_transf_vector[2]      ? 
_atom_sites.Cartn_transf_vector[3]      ? 
_atom_sites.fract_transf_matrix[1][1]   -0.02650560 
_atom_sites.fract_transf_matrix[1][2]   -0.02441593 
_atom_sites.fract_transf_matrix[1][3]   -0.00445485 
_atom_sites.fract_transf_matrix[2][1]   -0.07076979 
_atom_sites.fract_transf_matrix[2][2]   0.07577184 
_atom_sites.fract_transf_matrix[2][3]   0.00578158 
_atom_sites.fract_transf_matrix[3][1]   -0.01166843 
_atom_sites.fract_transf_matrix[3][2]   -0.00784279 
_atom_sites.fract_transf_matrix[3][3]   -0.04004257 
_atom_sites.fract_transf_vector[1]      0.262010 
_atom_sites.fract_transf_vector[2]      0.441173 
_atom_sites.fract_transf_vector[3]      0.014561 
_atom_sites.solution_primary            ? 
_atom_sites.solution_secondary          ? 
_atom_sites.solution_hydrogens          ? 
_atom_sites.special_details             ? 
# 
loop_
_atom_type.symbol 
C 
N 
O 
# 
loop_
_atom_site.group_PDB 
_atom_site.id 
_atom_site.type_symbol 
_atom_site.label_atom_id 
_atom_site.label_alt_id 
_atom_site.label_comp_id 
_atom_site.label_asym_id 
_atom_site.label_entity_id 
_atom_site.label_seq_id 
_atom_site.pdbx_PDB_ins_code 
_atom_site.Cartn_x 
_atom_site.Cartn_y 
_atom_site.Cartn_z 
_atom_site.occupancy 
_atom_site.B_iso_or_equiv 
_atom_site.pdbx_formal_charge 
_atom_site.auth_seq_id 
_atom_site.auth_comp_id 
_atom_site.auth_asym_id 
_atom_site.auth_atom_id 
_atom_site.pdbx_PDB_model_num 
ATOM   1  N N   . GLY A 1 1  ? 12.253  10.909  4.424  1.00 6.53  ? 1   GLY A N   1 
ATOM   2  C CA  . GLY A 1 1  ? 11.715  9.553   4.254  1.00 2.18  ? 1   GLY A CA  1 
ATOM   3  C C   . GLY A 1 1  ? 10.234  9.556   3.991  1.00 3.02  ? 1   GLY A C   1 
ATOM   4  O O   . GLY A 1 1  ? 9.527   10.558  3.938  1.00 6.20  ? 1   GLY A O   1 
ATOM   5  N N   . TYR A 1 2  ? 9.710   8.323   3.791  1.00 3.76  ? 2   TYR A N   1 
ATOM   6  C CA  . TYR A 1 2  ? 8.282   8.164   3.523  1.00 3.29  ? 2   TYR A CA  1 
ATOM   7  C C   . TYR A 1 2  ? 7.919   6.676   3.679  1.00 2.25  ? 2   TYR A C   1 
ATOM   8  O O   . TYR A 1 2  ? 8.830   5.841   3.742  1.00 4.73  ? 2   TYR A O   1 
ATOM   9  C CB  . TYR A 1 2  ? 7.889   8.705   2.158  1.00 3.58  ? 2   TYR A CB  1 
ATOM   10 C CG  . TYR A 1 2  ? 8.672   8.195   0.991  1.00 4.86  ? 2   TYR A CG  1 
ATOM   11 C CD1 . TYR A 1 2  ? 8.325   6.992   0.348  1.00 4.74  ? 2   TYR A CD1 1 
ATOM   12 C CD2 . TYR A 1 2  ? 9.767   8.861   0.485  1.00 4.27  ? 2   TYR A CD2 1 
ATOM   13 C CE1 . TYR A 1 2  ? 9.065   6.533   -0.727 1.00 9.05  ? 2   TYR A CE1 1 
ATOM   14 C CE2 . TYR A 1 2  ? 10.513  8.425   -0.587 1.00 6.35  ? 2   TYR A CE2 1 
ATOM   15 C CZ  . TYR A 1 2  ? 10.141  7.245   -1.190 1.00 6.93  ? 2   TYR A CZ  1 
ATOM   16 O OH  . TYR A 1 2  ? 10.881  6.798   -2.266 1.00 17.71 ? 2   TYR A OH  1 
ATOM   17 N N   . ARG A 1 3  ? 6.658   6.410   3.777  1.00 1.91  ? 3   ARG A N   1 
ATOM   18 C CA  . ARG A 1 3  ? 6.041   5.094   3.923  1.00 3.70  ? 3   ARG A CA  1 
ATOM   19 C C   . ARG A 1 3  ? 4.899   4.985   2.904  1.00 0.79  ? 3   ARG A C   1 
ATOM   20 O O   . ARG A 1 3  ? 4.192   5.937   2.683  1.00 4.06  ? 3   ARG A O   1 
ATOM   21 C CB  . ARG A 1 3  ? 5.501   4.857   5.326  1.00 2.98  ? 3   ARG A CB  1 
ATOM   22 C CG  . ARG A 1 3  ? 6.513   5.078   6.426  1.00 6.90  ? 3   ARG A CG  1 
ATOM   23 C CD  . ARG A 1 3  ? 6.063   4.815   7.828  1.00 8.04  ? 3   ARG A CD  1 
ATOM   24 N NE  . ARG A 1 3  ? 4.995   3.874   8.045  1.00 31.27 ? 3   ARG A NE  1 
ATOM   25 C CZ  . ARG A 1 3  ? 4.056   3.728   8.963  1.00 7.91  ? 3   ARG A CZ  1 
ATOM   26 N NH1 . ARG A 1 3  ? 3.142   4.628   9.290  1.00 14.16 ? 3   ARG A NH1 1 
ATOM   27 N NH2 . ARG A 1 3  ? 4.001   2.539   9.558  1.00 12.64 ? 3   ARG A NH2 1 
ATOM   28 N N   . VAL A 1 4  ? 4.783   3.787   2.367  1.00 4.26  ? 4   VAL A N   1 
ATOM   29 C CA  . VAL A 1 4  ? 3.649   3.486   1.470  1.00 3.22  ? 4   VAL A CA  1 
ATOM   30 C C   . VAL A 1 4  ? 3.188   2.057   1.563  1.00 1.50  ? 4   VAL A C   1 
ATOM   31 O O   . VAL A 1 4  ? 3.988   1.137   1.719  1.00 4.21  ? 4   VAL A O   1 
ATOM   32 C CB  . VAL A 1 4  ? 4.012   3.872   0.031  1.00 6.60  ? 4   VAL A CB  1 
ATOM   33 C CG1 . VAL A 1 4  ? 5.229   3.110   -0.463 1.00 12.76 ? 4   VAL A CG1 1 
ATOM   34 C CG2 . VAL A 1 4  ? 2.834   3.639   -0.910 1.00 10.02 ? 4   VAL A CG2 1 
ATOM   35 N N   . THR A 1 5  ? 1.904   1.862   1.466  1.00 3.34  ? 5   THR A N   1 
ATOM   36 C CA  . THR A 1 5  ? 1.277   0.542   1.433  1.00 2.68  ? 5   THR A CA  1 
ATOM   37 C C   . THR A 1 5  ? 0.208   0.521   0.342  1.00 0.56  ? 5   THR A C   1 
ATOM   38 O O   . THR A 1 5  ? -0.422  1.558   0.104  1.00 5.73  ? 5   THR A O   1 
ATOM   39 C CB  . THR A 1 5  ? 0.692   0.093   2.769  1.00 5.22  ? 5   THR A CB  1 
ATOM   40 O OG1 . THR A 1 5  ? -0.289  1.049   3.221  1.00 16.05 ? 5   THR A OG1 1 
ATOM   41 C CG2 . THR A 1 5  ? 1.711   -0.014  3.898  1.00 7.58  ? 5   THR A CG2 1 
ATOM   42 N N   . GLY A 1 6  ? -0.047  -0.541  -0.298 1.00 3.90  ? 6   GLY A N   1 
ATOM   43 C CA  . GLY A 1 6  ? -1.313  -0.838  -0.952 1.00 2.90  ? 6   GLY A CA  1 
ATOM   44 C C   . GLY A 1 6  ? -1.725  -2.276  -0.876 1.00 3.32  ? 6   GLY A C   1 
ATOM   45 O O   . GLY A 1 6  ? -0.944  -3.200  -0.762 1.00 6.84  ? 6   GLY A O   1 
ATOM   46 N N   . TYR A 1 7  ? -3.074  -2.498  -1.024 1.00 2.55  ? 7   TYR A N   1 
ATOM   47 C CA  . TYR A 1 7  ? -3.676  -3.800  -0.832 1.00 4.22  ? 7   TYR A CA  1 
ATOM   48 C C   . TYR A 1 7  ? -4.905  -3.839  -1.763 1.00 0.95  ? 7   TYR A C   1 
ATOM   49 O O   . TYR A 1 7  ? -5.632  -2.852  -1.786 1.00 4.73  ? 7   TYR A O   1 
ATOM   50 C CB  . TYR A 1 7  ? -4.134  -4.088  0.587  0.70 2.34  ? 7   TYR A CB  1 
ATOM   51 C CG  . TYR A 1 7  ? -5.020  -5.329  0.639  0.70 2.47  ? 7   TYR A CG  1 
ATOM   52 C CD1 . TYR A 1 7  ? -4.482  -6.579  0.879  0.70 6.99  ? 7   TYR A CD1 1 
ATOM   53 C CD2 . TYR A 1 7  ? -6.390  -5.280  0.430  0.70 3.89  ? 7   TYR A CD2 1 
ATOM   54 C CE1 . TYR A 1 7  ? -5.261  -7.720  0.923  0.70 10.81 ? 7   TYR A CE1 1 
ATOM   55 C CE2 . TYR A 1 7  ? -7.194  -6.415  0.468  0.70 8.34  ? 7   TYR A CE2 1 
ATOM   56 C CZ  . TYR A 1 7  ? -6.613  -7.647  0.715  0.70 6.51  ? 7   TYR A CZ  1 
ATOM   57 O OH  . TYR A 1 7  ? -7.403  -8.766  0.760  0.70 22.89 ? 7   TYR A OH  1 
ATOM   58 N N   . GLU A 1 8  ? -5.086  -4.934  -2.494 1.00 4.41  ? 8   GLU A N   1 
ATOM   59 C CA  . GLU A 1 8  ? -6.357  -5.097  -3.188 1.00 1.35  ? 8   GLU A CA  1 
ATOM   60 C C   . GLU A 1 8  ? -6.733  -6.573  -3.302 1.00 2.77  ? 8   GLU A C   1 
ATOM   61 O O   . GLU A 1 8  ? -5.876  -7.410  -3.335 1.00 4.22  ? 8   GLU A O   1 
ATOM   62 C CB  . GLU A 1 8  ? -6.217  -4.505  -4.580 1.00 4.85  ? 8   GLU A CB  1 
ATOM   63 C CG  . GLU A 1 8  ? -5.211  -5.198  -5.460 1.00 5.12  ? 8   GLU A CG  1 
ATOM   64 C CD  . GLU A 1 8  ? -5.187  -4.681  -6.873 1.00 8.18  ? 8   GLU A CD  1 
ATOM   65 O OE1 . GLU A 1 8  ? -4.168  -4.938  -7.544 1.00 16.03 ? 8   GLU A OE1 1 
ATOM   66 O OE2 . GLU A 1 8  ? -6.147  -4.012  -7.331 1.00 19.91 ? 8   GLU A OE2 1 
ATOM   67 N N   . THR A 1 9  ? -8.018  -6.771  -3.350 1.00 3.35  ? 9   THR A N   1 
ATOM   68 C CA  . THR A 1 9  ? -8.617  -8.102  -3.492 1.00 2.16  ? 9   THR A CA  1 
ATOM   69 C C   . THR A 1 9  ? -9.790  -7.952  -4.429 1.00 1.01  ? 9   THR A C   1 
ATOM   70 O O   . THR A 1 9  ? -10.629 -7.082  -4.288 1.00 4.34  ? 9   THR A O   1 
ATOM   71 C CB  . THR A 1 9  ? -9.000  -8.642  -2.102 1.00 4.67  ? 9   THR A CB  1 
ATOM   72 O OG1 . THR A 1 9  ? -9.508  -10.007 -2.181 1.00 8.16  ? 9   THR A OG1 1 
ATOM   73 C CG2 . THR A 1 9  ? -10.034 -7.750  -1.416 1.00 5.55  ? 9   THR A CG2 1 
ATOM   74 N N   . GLN A 1 10 ? -9.919  -8.897  -5.505 1.00 4.34  ? 10  GLN A N   1 
ATOM   75 C CA  . GLN A 1 10 ? -11.001 -9.001  -6.139 1.00 7.46  ? 10  GLN A CA  1 
ATOM   76 C C   . GLN A 1 10 ? -12.215 -9.703  -5.652 1.00 6.75  ? 10  GLN A C   1 
ATOM   77 O O   . GLN A 1 10 ? -11.972 -10.630 -5.632 1.00 20.67 ? 10  GLN A O   1 
ATOM   78 C CB  . GLN A 1 10 ? -10.781 -9.590  -7.878 1.00 7.87  ? 10  GLN A CB  1 
ATOM   79 C CG  . GLN A 1 10 ? -9.650  -8.884  -8.409 1.00 7.33  ? 10  GLN A CG  1 
ATOM   80 C CD  . GLN A 1 10 ? -10.000 -7.390  -8.657 1.00 10.38 ? 10  GLN A CD  1 
ATOM   81 O OE1 . GLN A 1 10 ? -11.130 -6.989  -9.166 1.00 10.09 ? 10  GLN A OE1 1 
ATOM   82 N NE2 . GLN A 1 10 ? -8.939  -6.566  -8.423 1.00 7.79  ? 10  GLN A NE2 1 
ATOM   83 O OXT . GLN A 1 10 ? -13.526 -9.230  -5.700 1.00 19.19 ? 10  GLN A OXT 1 
HETATM 84 O O   . HOH B 2 .  ? -10.331 -12.566 -5.534 1.00 9.95  ? 101 HOH A O   1 
HETATM 85 O O   . HOH B 2 .  ? 6.721   0.656   9.988  0.50 4.14  ? 102 HOH A O   1 
HETATM 86 O O   A HOH B 2 .  ? 0.499   3.990   5.663  0.50 9.55  ? 103 HOH A O   1 
HETATM 87 O O   B HOH B 2 .  ? 2.048   4.283   4.984  0.50 7.83  ? 103 HOH A O   1 
# 
